data_2QQ8
#
_entry.id   2QQ8
#
_cell.length_a   123.520
_cell.length_b   123.520
_cell.length_c   48.608
_cell.angle_alpha   90.000
_cell.angle_beta   90.000
_cell.angle_gamma   90.000
#
_symmetry.space_group_name_H-M   'P 43 21 2'
#
loop_
_entity.id
_entity.type
_entity.pdbx_description
1 polymer 'TBC1 domain family member 14'
2 non-polymer 'UNKNOWN ATOM OR ION'
3 water water
#
_entity_poly.entity_id   1
_entity_poly.type   'polypeptide(L)'
_entity_poly.pdbx_seq_one_letter_code
;MHHHHHHSSGRENLYFQGNAVLTWNNEILPNWETMWCSRKVRDLWWQGIPPSVRGKVWSLAIGNELNITHELFDICLARA
KERWRSLSTGGSEVENEDAGFSAADREASLELIKLDISRTFPNLCIFQQGGPYHDMLHSILGAYTCYRPDVGYVQGMSFI
AAVLILNLDTADAFIAFSNLLNKPCQMAFFRVDHGLMLTYFAAFEVFFEENLPKLFAHFKKNNLTPDIYLIDWIFTLYSK
SLPLDLACRIWDVFCRDGEEFLFRTALGILKLFEDILTKMDFIHMAQFLTRLPEDLPAEELFASIATIQMQSRNKKWAQV
LTALQKDSREMEKG
;
_entity_poly.pdbx_strand_id   A
#
loop_
_chem_comp.id
_chem_comp.type
_chem_comp.name
_chem_comp.formula
UNX non-polymer 'UNKNOWN ATOM OR ION' ?
#
# COMPACT_ATOMS: atom_id res chain seq x y z
N TYR A 15 -24.26 -10.54 15.81
CA TYR A 15 -23.17 -9.80 15.09
C TYR A 15 -22.06 -9.36 16.07
N PHE A 16 -20.88 -9.05 15.53
CA PHE A 16 -19.66 -8.88 16.35
C PHE A 16 -19.56 -10.00 17.41
N GLN A 17 -19.92 -11.22 16.98
CA GLN A 17 -19.79 -12.40 17.81
C GLN A 17 -18.95 -13.42 17.05
N GLY A 18 -17.93 -12.93 16.34
CA GLY A 18 -16.98 -13.80 15.64
C GLY A 18 -17.40 -14.23 14.24
N ASN A 19 -18.48 -13.66 13.68
N ASN A 19 -18.33 -13.45 13.68
CA ASN A 19 -18.80 -13.86 12.25
CA ASN A 19 -18.96 -13.70 12.40
C ASN A 19 -18.66 -12.55 11.50
C ASN A 19 -18.70 -12.51 11.43
N ALA A 20 -17.44 -12.32 11.04
CA ALA A 20 -17.04 -11.09 10.35
C ALA A 20 -17.81 -10.78 9.06
N VAL A 21 -18.03 -11.78 8.19
CA VAL A 21 -18.71 -11.52 6.90
C VAL A 21 -20.12 -10.98 7.12
N LEU A 22 -20.86 -11.68 7.97
CA LEU A 22 -22.23 -11.27 8.34
C LEU A 22 -22.23 -9.90 9.00
N THR A 23 -21.27 -9.65 9.89
CA THR A 23 -21.24 -8.37 10.58
C THR A 23 -20.98 -7.28 9.54
N TRP A 24 -20.00 -7.48 8.66
CA TRP A 24 -19.70 -6.45 7.62
C TRP A 24 -20.89 -6.22 6.68
N ASN A 25 -21.43 -7.32 6.15
CA ASN A 25 -22.50 -7.24 5.16
C ASN A 25 -23.82 -6.77 5.73
N ASN A 26 -24.20 -7.30 6.89
CA ASN A 26 -25.52 -7.04 7.46
C ASN A 26 -25.57 -5.84 8.39
N GLU A 27 -24.49 -5.60 9.13
CA GLU A 27 -24.47 -4.57 10.16
C GLU A 27 -23.67 -3.32 9.73
N ILE A 28 -22.48 -3.52 9.16
CA ILE A 28 -21.57 -2.39 8.91
C ILE A 28 -21.85 -1.61 7.61
N LEU A 29 -21.89 -2.32 6.49
CA LEU A 29 -21.97 -1.66 5.17
C LEU A 29 -23.29 -0.91 4.90
N PRO A 30 -24.44 -1.48 5.32
CA PRO A 30 -25.67 -0.68 5.31
C PRO A 30 -25.51 0.65 6.07
N ASN A 31 -24.63 0.68 7.06
CA ASN A 31 -24.38 1.87 7.87
C ASN A 31 -23.01 2.52 7.58
N TRP A 32 -22.56 2.44 6.32
CA TRP A 32 -21.24 2.93 5.89
C TRP A 32 -20.92 4.36 6.38
N GLU A 33 -21.87 5.27 6.18
CA GLU A 33 -21.71 6.67 6.58
C GLU A 33 -22.14 6.88 8.03
N TRP A 36 -18.67 3.64 9.70
CA TRP A 36 -17.24 3.49 9.41
C TRP A 36 -16.43 3.64 10.69
N CYS A 37 -16.56 4.78 11.36
CA CYS A 37 -15.76 5.13 12.54
C CYS A 37 -16.38 4.79 13.92
N SER A 38 -17.34 3.87 13.96
CA SER A 38 -17.72 3.20 15.24
C SER A 38 -16.49 2.55 15.90
N ARG A 39 -16.40 2.58 17.22
CA ARG A 39 -15.27 1.95 17.92
C ARG A 39 -15.29 0.44 17.73
N LYS A 40 -16.47 -0.16 17.75
CA LYS A 40 -16.62 -1.61 17.58
C LYS A 40 -16.20 -2.03 16.17
N VAL A 41 -16.61 -1.24 15.17
CA VAL A 41 -16.21 -1.46 13.79
C VAL A 41 -14.67 -1.32 13.62
N ARG A 42 -14.06 -0.36 14.32
CA ARG A 42 -12.63 -0.09 14.16
C ARG A 42 -11.76 -1.21 14.68
N ASP A 43 -12.20 -1.85 15.76
CA ASP A 43 -11.49 -3.02 16.27
C ASP A 43 -11.58 -4.19 15.27
N LEU A 44 -12.73 -4.35 14.64
CA LEU A 44 -12.94 -5.45 13.68
C LEU A 44 -12.14 -5.21 12.40
N TRP A 45 -12.00 -3.94 12.03
CA TRP A 45 -11.31 -3.52 10.83
C TRP A 45 -9.80 -3.82 10.96
N TRP A 46 -9.30 -3.66 12.18
CA TRP A 46 -7.93 -4.03 12.51
C TRP A 46 -7.57 -5.48 12.18
N GLN A 47 -8.55 -6.38 12.29
CA GLN A 47 -8.38 -7.81 12.08
C GLN A 47 -8.31 -8.20 10.62
N GLY A 48 -8.60 -7.25 9.73
CA GLY A 48 -8.63 -7.53 8.32
C GLY A 48 -10.07 -7.71 7.84
N ILE A 49 -10.32 -7.27 6.62
CA ILE A 49 -11.67 -7.31 6.04
C ILE A 49 -11.80 -8.62 5.30
N PRO A 50 -12.97 -9.31 5.45
CA PRO A 50 -13.16 -10.55 4.67
C PRO A 50 -13.01 -10.33 3.16
N PRO A 51 -12.34 -11.26 2.45
CA PRO A 51 -12.09 -11.03 1.04
C PRO A 51 -13.32 -10.69 0.22
N SER A 52 -14.46 -11.28 0.58
CA SER A 52 -15.71 -11.05 -0.13
C SER A 52 -16.25 -9.64 0.09
N VAL A 53 -15.77 -8.98 1.15
CA VAL A 53 -16.18 -7.61 1.51
C VAL A 53 -15.17 -6.51 1.04
N ARG A 54 -13.93 -6.90 0.83
CA ARG A 54 -12.83 -5.95 0.60
C ARG A 54 -13.07 -5.00 -0.52
N GLY A 55 -13.51 -5.52 -1.66
CA GLY A 55 -13.68 -4.70 -2.86
C GLY A 55 -14.57 -3.50 -2.59
N LYS A 56 -15.69 -3.76 -1.93
CA LYS A 56 -16.67 -2.73 -1.63
C LYS A 56 -16.09 -1.69 -0.67
N VAL A 57 -15.42 -2.14 0.39
CA VAL A 57 -14.80 -1.21 1.35
C VAL A 57 -13.65 -0.45 0.72
N TRP A 58 -12.79 -1.15 -0.01
CA TRP A 58 -11.65 -0.46 -0.62
C TRP A 58 -12.09 0.60 -1.62
N SER A 59 -13.08 0.25 -2.46
CA SER A 59 -13.55 1.16 -3.50
CA SER A 59 -13.55 1.16 -3.50
C SER A 59 -14.11 2.43 -2.89
N LEU A 60 -14.88 2.28 -1.81
CA LEU A 60 -15.43 3.39 -1.04
C LEU A 60 -14.36 4.24 -0.39
N ALA A 61 -13.39 3.60 0.25
CA ALA A 61 -12.31 4.33 0.92
C ALA A 61 -11.40 5.06 -0.05
N ILE A 62 -11.02 4.39 -1.14
CA ILE A 62 -10.14 5.01 -2.12
C ILE A 62 -10.89 6.14 -2.87
N GLY A 63 -12.15 5.89 -3.22
CA GLY A 63 -13.01 6.90 -3.84
C GLY A 63 -12.72 7.09 -5.32
N ASN A 64 -13.31 8.13 -5.89
CA ASN A 64 -13.20 8.41 -7.31
C ASN A 64 -13.15 9.89 -7.53
N GLU A 65 -12.18 10.54 -6.92
CA GLU A 65 -12.06 12.00 -7.05
C GLU A 65 -11.70 12.37 -8.48
N LEU A 66 -11.12 11.41 -9.22
CA LEU A 66 -10.83 11.61 -10.65
C LEU A 66 -12.05 11.51 -11.57
N ASN A 67 -13.15 11.04 -11.02
CA ASN A 67 -14.41 10.87 -11.77
C ASN A 67 -14.21 10.00 -13.01
N ILE A 68 -13.40 8.96 -12.84
CA ILE A 68 -13.20 7.96 -13.88
C ILE A 68 -14.50 7.14 -14.04
N THR A 69 -14.83 6.81 -15.29
CA THR A 69 -16.04 6.03 -15.64
C THR A 69 -15.61 4.71 -16.26
N HIS A 70 -16.49 3.73 -16.22
CA HIS A 70 -16.23 2.47 -16.92
C HIS A 70 -15.97 2.71 -18.41
N GLU A 71 -16.70 3.67 -18.98
CA GLU A 71 -16.54 4.02 -20.38
C GLU A 71 -15.13 4.54 -20.68
N LEU A 72 -14.58 5.40 -19.82
CA LEU A 72 -13.18 5.81 -19.96
C LEU A 72 -12.24 4.58 -19.96
N PHE A 73 -12.46 3.68 -19.01
CA PHE A 73 -11.68 2.44 -18.95
C PHE A 73 -11.74 1.69 -20.30
N ASP A 74 -12.95 1.50 -20.82
CA ASP A 74 -13.17 0.74 -22.08
C ASP A 74 -12.40 1.37 -23.21
N ILE A 75 -12.51 2.69 -23.34
CA ILE A 75 -11.79 3.41 -24.38
C ILE A 75 -10.27 3.31 -24.24
N CYS A 76 -9.78 3.54 -23.04
CA CYS A 76 -8.33 3.48 -22.80
C CYS A 76 -7.78 2.08 -23.05
N LEU A 77 -8.51 1.06 -22.60
CA LEU A 77 -8.12 -0.34 -22.90
C LEU A 77 -8.10 -0.63 -24.40
N ALA A 78 -9.16 -0.20 -25.10
CA ALA A 78 -9.20 -0.30 -26.57
C ALA A 78 -7.98 0.30 -27.23
N ARG A 79 -7.56 1.50 -26.81
CA ARG A 79 -6.34 2.14 -27.30
C ARG A 79 -5.06 1.35 -26.97
N ALA A 80 -4.99 0.80 -25.76
CA ALA A 80 -3.87 -0.04 -25.37
C ALA A 80 -3.78 -1.27 -26.28
N LYS A 81 -4.89 -1.99 -26.43
CA LYS A 81 -4.95 -3.15 -27.32
C LYS A 81 -4.53 -2.83 -28.77
N GLU A 82 -5.03 -1.72 -29.31
CA GLU A 82 -4.56 -1.20 -30.60
C GLU A 82 -3.05 -1.03 -30.58
N ARG A 83 -2.55 -0.31 -29.57
CA ARG A 83 -1.12 -0.01 -29.39
C ARG A 83 -0.21 -1.28 -29.32
N TRP A 84 -0.73 -2.40 -28.80
CA TRP A 84 0.03 -3.66 -28.77
C TRP A 84 0.15 -4.27 -30.17
N GLU A 107 6.98 0.65 -26.46
CA GLU A 107 8.18 0.07 -27.07
C GLU A 107 8.94 -0.78 -26.03
N ALA A 108 9.60 -0.13 -25.07
CA ALA A 108 10.19 -0.78 -23.90
C ALA A 108 9.29 -0.64 -22.67
N SER A 109 8.15 0.02 -22.83
CA SER A 109 7.14 0.14 -21.78
C SER A 109 6.44 -1.19 -21.56
N LEU A 110 5.92 -1.77 -22.64
CA LEU A 110 5.29 -3.08 -22.57
C LEU A 110 6.31 -4.12 -22.09
N GLU A 111 7.58 -3.93 -22.45
CA GLU A 111 8.65 -4.78 -21.93
C GLU A 111 8.69 -4.71 -20.42
N LEU A 112 8.60 -3.50 -19.88
CA LEU A 112 8.62 -3.32 -18.41
C LEU A 112 7.36 -3.88 -17.75
N ILE A 113 6.19 -3.66 -18.38
CA ILE A 113 4.93 -4.22 -17.88
C ILE A 113 5.02 -5.75 -17.78
N LYS A 114 5.43 -6.39 -18.88
CA LYS A 114 5.51 -7.85 -18.95
C LYS A 114 6.49 -8.41 -17.92
N LEU A 115 7.64 -7.78 -17.76
CA LEU A 115 8.62 -8.21 -16.74
C LEU A 115 8.07 -8.09 -15.34
N ASP A 116 7.51 -6.95 -15.01
CA ASP A 116 6.94 -6.77 -13.69
C ASP A 116 5.85 -7.80 -13.44
N ILE A 117 4.98 -8.04 -14.44
CA ILE A 117 3.91 -9.02 -14.29
C ILE A 117 4.49 -10.42 -13.97
N SER A 118 5.58 -10.80 -14.64
CA SER A 118 6.25 -12.10 -14.38
CA SER A 118 6.22 -12.11 -14.38
C SER A 118 6.66 -12.27 -12.92
N ARG A 119 7.03 -11.17 -12.27
CA ARG A 119 7.41 -11.24 -10.85
C ARG A 119 6.34 -10.81 -9.86
N THR A 120 5.10 -10.66 -10.29
CA THR A 120 4.04 -10.26 -9.39
C THR A 120 3.35 -11.48 -8.71
N PHE A 121 3.56 -11.60 -7.41
CA PHE A 121 3.07 -12.73 -6.58
C PHE A 121 3.21 -14.10 -7.30
N PRO A 122 4.42 -14.40 -7.81
CA PRO A 122 4.63 -15.50 -8.74
C PRO A 122 4.36 -16.90 -8.12
N ASN A 123 4.43 -17.04 -6.82
CA ASN A 123 4.12 -18.31 -6.16
CA ASN A 123 4.11 -18.29 -6.12
C ASN A 123 2.66 -18.72 -6.33
N LEU A 124 1.77 -17.74 -6.56
CA LEU A 124 0.37 -18.05 -6.75
C LEU A 124 0.06 -18.59 -8.12
N CYS A 125 0.91 -18.27 -9.09
CA CYS A 125 0.72 -18.60 -10.49
C CYS A 125 -0.65 -18.22 -11.02
N ILE A 126 -1.15 -17.03 -10.66
CA ILE A 126 -2.43 -16.53 -11.21
C ILE A 126 -2.30 -15.28 -12.08
N PHE A 127 -1.23 -14.48 -11.86
CA PHE A 127 -1.04 -13.22 -12.61
C PHE A 127 -0.16 -13.40 -13.82
N GLN A 128 0.57 -14.51 -13.84
CA GLN A 128 1.53 -14.76 -14.90
C GLN A 128 0.75 -15.31 -16.10
N GLN A 129 1.42 -15.28 -17.24
CA GLN A 129 0.89 -15.74 -18.49
C GLN A 129 0.29 -17.14 -18.36
N GLY A 130 -0.93 -17.27 -18.89
CA GLY A 130 -1.71 -18.49 -18.73
C GLY A 130 -2.57 -18.54 -17.47
N GLY A 131 -2.32 -17.67 -16.49
CA GLY A 131 -3.13 -17.63 -15.26
C GLY A 131 -4.40 -16.85 -15.46
N PRO A 132 -5.40 -17.07 -14.59
CA PRO A 132 -6.71 -16.49 -14.82
C PRO A 132 -6.82 -14.97 -14.62
N TYR A 133 -5.80 -14.32 -14.02
CA TYR A 133 -5.81 -12.85 -13.82
C TYR A 133 -4.82 -12.11 -14.69
N HIS A 134 -4.18 -12.83 -15.58
CA HIS A 134 -3.11 -12.23 -16.36
C HIS A 134 -3.60 -11.15 -17.31
N ASP A 135 -4.62 -11.48 -18.10
CA ASP A 135 -5.15 -10.56 -19.08
C ASP A 135 -5.76 -9.35 -18.37
N MET A 136 -6.41 -9.58 -17.22
CA MET A 136 -6.96 -8.49 -16.43
C MET A 136 -5.89 -7.54 -15.95
N LEU A 137 -4.80 -8.11 -15.43
CA LEU A 137 -3.65 -7.33 -14.98
C LEU A 137 -3.05 -6.48 -16.10
N HIS A 138 -2.82 -7.11 -17.24
CA HIS A 138 -2.37 -6.41 -18.44
C HIS A 138 -3.30 -5.27 -18.85
N SER A 139 -4.60 -5.52 -18.75
CA SER A 139 -5.63 -4.56 -19.12
C SER A 139 -5.64 -3.32 -18.25
N ILE A 140 -5.54 -3.50 -16.93
CA ILE A 140 -5.48 -2.37 -16.05
C ILE A 140 -4.25 -1.52 -16.36
N LEU A 141 -3.10 -2.16 -16.51
CA LEU A 141 -1.84 -1.42 -16.72
C LEU A 141 -1.78 -0.73 -18.08
N GLY A 142 -2.17 -1.45 -19.13
CA GLY A 142 -2.25 -0.88 -20.47
C GLY A 142 -3.24 0.27 -20.54
N ALA A 143 -4.44 0.08 -19.99
CA ALA A 143 -5.43 1.15 -19.96
C ALA A 143 -4.87 2.40 -19.23
N TYR A 144 -4.20 2.19 -18.09
CA TYR A 144 -3.59 3.30 -17.36
C TYR A 144 -2.53 4.07 -18.15
N THR A 145 -1.68 3.37 -18.90
CA THR A 145 -0.72 4.09 -19.75
C THR A 145 -1.41 4.90 -20.85
N CYS A 146 -2.65 4.58 -21.19
CA CYS A 146 -3.39 5.36 -22.17
C CYS A 146 -4.15 6.51 -21.51
N TYR A 147 -4.49 6.36 -20.23
CA TYR A 147 -5.13 7.41 -19.48
C TYR A 147 -4.14 8.49 -19.08
N ARG A 148 -2.98 8.08 -18.57
CA ARG A 148 -1.93 8.99 -18.20
C ARG A 148 -0.66 8.63 -18.96
N PRO A 149 -0.65 8.93 -20.25
CA PRO A 149 0.52 8.62 -21.07
C PRO A 149 1.77 9.38 -20.65
N ASP A 150 1.64 10.48 -19.90
CA ASP A 150 2.80 11.15 -19.32
C ASP A 150 3.42 10.36 -18.18
N VAL A 151 2.62 9.65 -17.41
CA VAL A 151 3.14 8.84 -16.31
C VAL A 151 3.69 7.54 -16.86
N GLY A 152 2.91 6.88 -17.71
CA GLY A 152 3.33 5.61 -18.29
C GLY A 152 3.32 4.53 -17.22
N TYR A 153 4.12 3.50 -17.45
CA TYR A 153 4.26 2.41 -16.47
C TYR A 153 5.45 2.68 -15.55
N VAL A 154 5.25 2.59 -14.23
CA VAL A 154 6.29 2.69 -13.24
C VAL A 154 6.44 1.36 -12.53
N GLN A 155 7.67 0.86 -12.42
CA GLN A 155 7.90 -0.44 -11.79
C GLN A 155 7.29 -0.46 -10.41
N GLY A 156 6.64 -1.57 -10.09
CA GLY A 156 5.91 -1.71 -8.85
C GLY A 156 4.40 -1.59 -9.06
N MET A 157 3.99 -0.86 -10.09
CA MET A 157 2.56 -0.69 -10.37
C MET A 157 1.81 -2.00 -10.54
N SER A 158 2.43 -3.01 -11.14
CA SER A 158 1.77 -4.34 -11.32
C SER A 158 1.28 -4.95 -9.99
N PHE A 159 2.03 -4.74 -8.93
CA PHE A 159 1.67 -5.28 -7.63
C PHE A 159 0.44 -4.63 -7.05
N ILE A 160 0.34 -3.31 -7.25
CA ILE A 160 -0.82 -2.53 -6.81
C ILE A 160 -2.06 -3.00 -7.59
N ALA A 161 -1.93 -3.10 -8.91
CA ALA A 161 -3.06 -3.51 -9.78
C ALA A 161 -3.49 -4.95 -9.47
N ALA A 162 -2.50 -5.81 -9.18
CA ALA A 162 -2.77 -7.23 -8.86
C ALA A 162 -3.63 -7.38 -7.61
N VAL A 163 -3.26 -6.66 -6.56
CA VAL A 163 -4.04 -6.67 -5.34
C VAL A 163 -5.46 -6.24 -5.60
N LEU A 164 -5.63 -5.20 -6.41
CA LEU A 164 -6.95 -4.65 -6.69
C LEU A 164 -7.81 -5.59 -7.55
N ILE A 165 -7.24 -6.18 -8.59
CA ILE A 165 -8.01 -7.11 -9.46
C ILE A 165 -8.42 -8.42 -8.75
N LEU A 166 -7.68 -8.86 -7.74
CA LEU A 166 -8.14 -9.96 -6.90
C LEU A 166 -9.41 -9.65 -6.13
N ASN A 167 -9.69 -8.37 -5.90
CA ASN A 167 -10.76 -7.96 -4.99
C ASN A 167 -11.88 -7.15 -5.63
N LEU A 168 -11.68 -6.72 -6.87
CA LEU A 168 -12.61 -5.87 -7.62
C LEU A 168 -12.73 -6.30 -9.04
N ASP A 169 -13.91 -6.07 -9.64
CA ASP A 169 -14.07 -6.32 -11.06
C ASP A 169 -13.12 -5.40 -11.78
N THR A 170 -12.75 -5.71 -13.02
CA THR A 170 -11.65 -5.01 -13.71
C THR A 170 -11.83 -3.51 -13.85
N ALA A 171 -13.02 -3.06 -14.26
CA ALA A 171 -13.26 -1.63 -14.47
C ALA A 171 -13.20 -0.88 -13.15
N ASP A 172 -13.81 -1.45 -12.10
CA ASP A 172 -13.73 -0.89 -10.76
C ASP A 172 -12.32 -0.88 -10.18
N ALA A 173 -11.59 -1.93 -10.49
CA ALA A 173 -10.17 -2.01 -10.13
C ALA A 173 -9.37 -0.87 -10.83
N PHE A 174 -9.64 -0.63 -12.10
CA PHE A 174 -9.05 0.50 -12.81
C PHE A 174 -9.38 1.84 -12.15
N ILE A 175 -10.64 2.03 -11.71
CA ILE A 175 -11.01 3.22 -10.97
C ILE A 175 -10.18 3.36 -9.70
N ALA A 176 -10.06 2.28 -8.92
CA ALA A 176 -9.34 2.31 -7.67
C ALA A 176 -7.83 2.56 -7.87
N PHE A 177 -7.27 1.86 -8.85
CA PHE A 177 -5.85 1.95 -9.20
C PHE A 177 -5.48 3.40 -9.52
N SER A 178 -6.23 3.99 -10.44
CA SER A 178 -6.00 5.37 -10.90
C SER A 178 -6.13 6.39 -9.78
N ASN A 179 -7.18 6.27 -8.98
CA ASN A 179 -7.36 7.13 -7.85
C ASN A 179 -6.34 6.93 -6.71
N LEU A 180 -5.92 5.71 -6.50
CA LEU A 180 -4.86 5.43 -5.52
C LEU A 180 -3.52 6.09 -5.91
N LEU A 181 -3.15 5.97 -7.17
CA LEU A 181 -1.96 6.63 -7.69
C LEU A 181 -2.06 8.17 -7.63
N ASN A 182 -3.28 8.70 -7.53
CA ASN A 182 -3.50 10.15 -7.46
C ASN A 182 -3.37 10.73 -6.07
N LYS A 183 -3.29 9.86 -5.04
CA LYS A 183 -3.30 10.35 -3.67
C LYS A 183 -2.01 11.12 -3.40
N PRO A 184 -2.08 12.15 -2.54
CA PRO A 184 -0.91 12.96 -2.24
C PRO A 184 0.30 12.12 -1.90
N CYS A 185 0.09 11.06 -1.11
CA CYS A 185 1.19 10.24 -0.66
C CYS A 185 1.80 9.45 -1.78
N GLN A 186 1.00 8.68 -2.52
CA GLN A 186 1.51 7.90 -3.63
C GLN A 186 2.16 8.78 -4.73
N MET A 187 1.57 9.93 -5.00
CA MET A 187 2.12 10.89 -5.98
C MET A 187 3.52 11.33 -5.57
N ALA A 188 3.65 11.76 -4.32
CA ALA A 188 4.95 12.20 -3.79
C ALA A 188 6.01 11.14 -3.98
N PHE A 189 5.64 9.88 -3.74
CA PHE A 189 6.58 8.78 -3.75
C PHE A 189 6.84 8.20 -5.12
N PHE A 190 6.10 8.67 -6.14
CA PHE A 190 6.36 8.26 -7.54
C PHE A 190 7.00 9.37 -8.39
N ARG A 191 6.71 10.65 -8.12
CA ARG A 191 7.17 11.72 -9.05
C ARG A 191 8.67 12.06 -8.95
N VAL A 192 9.24 12.43 -10.10
CA VAL A 192 10.69 12.70 -10.24
C VAL A 192 11.18 13.83 -9.32
N ASP A 193 10.35 14.86 -9.13
CA ASP A 193 10.65 15.91 -8.16
C ASP A 193 10.40 15.41 -6.71
N HIS A 194 11.47 15.38 -5.90
CA HIS A 194 11.42 14.73 -4.58
C HIS A 194 10.99 15.65 -3.43
N GLY A 195 10.55 16.86 -3.73
CA GLY A 195 10.27 17.85 -2.69
C GLY A 195 9.17 17.44 -1.72
N LEU A 196 8.06 16.98 -2.26
CA LEU A 196 6.95 16.51 -1.42
C LEU A 196 7.40 15.23 -0.64
N MET A 197 8.13 14.34 -1.29
CA MET A 197 8.63 13.13 -0.63
C MET A 197 9.53 13.46 0.55
N LEU A 198 10.33 14.53 0.45
CA LEU A 198 11.13 14.98 1.58
C LEU A 198 10.32 15.37 2.79
N THR A 199 9.14 15.95 2.59
CA THR A 199 8.33 16.36 3.73
C THR A 199 7.71 15.11 4.42
N TYR A 200 7.36 14.11 3.63
CA TYR A 200 6.94 12.80 4.18
C TYR A 200 8.08 12.15 5.00
N PHE A 201 9.31 12.19 4.47
CA PHE A 201 10.48 11.67 5.20
C PHE A 201 10.62 12.37 6.51
N ALA A 202 10.49 13.69 6.48
CA ALA A 202 10.62 14.47 7.70
C ALA A 202 9.55 14.13 8.74
N ALA A 203 8.29 14.02 8.32
CA ALA A 203 7.21 13.64 9.23
C ALA A 203 7.44 12.23 9.77
N PHE A 204 7.82 11.31 8.90
CA PHE A 204 8.20 9.95 9.28
C PHE A 204 9.26 9.96 10.38
N GLU A 205 10.32 10.74 10.20
CA GLU A 205 11.36 10.86 11.21
C GLU A 205 10.93 11.44 12.55
N VAL A 206 9.94 12.32 12.56
CA VAL A 206 9.36 12.79 13.84
C VAL A 206 8.81 11.62 14.65
N PHE A 207 8.04 10.77 14.00
CA PHE A 207 7.41 9.60 14.63
C PHE A 207 8.36 8.46 14.92
N PHE A 208 9.35 8.31 14.06
CA PHE A 208 10.40 7.34 14.24
C PHE A 208 11.18 7.67 15.53
N GLU A 209 11.63 8.90 15.64
CA GLU A 209 12.42 9.29 16.83
C GLU A 209 11.56 9.19 18.08
N GLU A 210 10.31 9.65 18.01
CA GLU A 210 9.37 9.54 19.11
C GLU A 210 9.20 8.11 19.63
N ASN A 211 8.98 7.19 18.70
CA ASN A 211 8.62 5.82 19.07
C ASN A 211 9.78 4.92 19.29
N LEU A 212 10.86 5.14 18.54
CA LEU A 212 12.01 4.27 18.52
C LEU A 212 13.29 5.07 18.64
N PRO A 213 13.47 5.82 19.74
CA PRO A 213 14.62 6.72 19.76
C PRO A 213 15.98 6.02 19.58
N LYS A 214 16.15 4.85 20.15
CA LYS A 214 17.41 4.12 20.05
C LYS A 214 17.75 3.61 18.64
N LEU A 215 16.83 2.96 17.98
CA LEU A 215 17.01 2.55 16.60
C LEU A 215 17.20 3.78 15.67
N PHE A 216 16.45 4.85 15.94
CA PHE A 216 16.57 6.10 15.20
C PHE A 216 18.02 6.61 15.19
N ALA A 217 18.62 6.66 16.38
CA ALA A 217 20.04 7.02 16.53
C ALA A 217 20.97 6.05 15.81
N HIS A 218 20.70 4.75 15.96
CA HIS A 218 21.45 3.72 15.29
C HIS A 218 21.45 3.91 13.78
N PHE A 219 20.26 4.11 13.21
CA PHE A 219 20.13 4.48 11.80
C PHE A 219 20.93 5.76 11.47
N LYS A 220 20.77 6.83 12.25
CA LYS A 220 21.51 8.08 11.98
C LYS A 220 23.03 7.86 11.92
N LYS A 221 23.56 7.19 12.94
CA LYS A 221 24.99 6.88 13.05
C LYS A 221 25.53 6.11 11.83
N ASN A 222 24.68 5.23 11.27
CA ASN A 222 25.05 4.38 10.14
C ASN A 222 24.63 4.87 8.77
N ASN A 223 24.13 6.10 8.70
CA ASN A 223 23.71 6.74 7.46
C ASN A 223 22.60 5.96 6.74
N LEU A 224 21.73 5.31 7.54
CA LEU A 224 20.60 4.54 7.01
C LEU A 224 19.37 5.48 6.93
N THR A 225 19.30 6.17 5.78
CA THR A 225 18.32 7.19 5.53
C THR A 225 17.07 6.57 4.86
N PRO A 226 15.89 7.23 5.03
CA PRO A 226 14.62 6.63 4.63
C PRO A 226 14.52 6.20 3.18
N ASP A 227 15.25 6.90 2.32
CA ASP A 227 15.25 6.62 0.89
C ASP A 227 15.77 5.21 0.55
N ILE A 228 16.57 4.62 1.42
CA ILE A 228 17.02 3.24 1.23
C ILE A 228 15.87 2.22 1.20
N TYR A 229 14.85 2.39 2.02
CA TYR A 229 13.85 1.33 2.20
C TYR A 229 12.38 1.81 2.09
N LEU A 230 12.12 3.04 2.50
CA LEU A 230 10.75 3.52 2.64
C LEU A 230 10.02 3.74 1.34
N ILE A 231 10.75 4.00 0.26
CA ILE A 231 10.10 4.43 -0.97
C ILE A 231 9.19 3.38 -1.60
N ASP A 232 9.70 2.18 -1.77
CA ASP A 232 8.91 1.05 -2.29
C ASP A 232 7.79 0.65 -1.35
N TRP A 233 8.04 0.73 -0.05
CA TRP A 233 7.00 0.39 0.94
C TRP A 233 5.79 1.29 0.75
N ILE A 234 6.05 2.59 0.69
CA ILE A 234 4.96 3.55 0.68
C ILE A 234 4.31 3.58 -0.70
N PHE A 235 5.14 3.56 -1.73
CA PHE A 235 4.61 3.70 -3.09
C PHE A 235 3.65 2.58 -3.49
N THR A 236 4.01 1.32 -3.21
CA THR A 236 3.10 0.19 -3.53
C THR A 236 2.17 -0.24 -2.42
N LEU A 237 2.14 0.54 -1.34
CA LEU A 237 1.38 0.22 -0.12
C LEU A 237 1.74 -1.21 0.32
N TYR A 238 3.04 -1.51 0.27
CA TYR A 238 3.65 -2.77 0.74
C TYR A 238 3.35 -3.98 -0.19
N SER A 239 2.61 -3.78 -1.28
CA SER A 239 2.26 -4.89 -2.19
C SER A 239 3.49 -5.45 -2.89
N LYS A 240 4.52 -4.63 -3.08
CA LYS A 240 5.78 -5.15 -3.63
C LYS A 240 6.72 -5.72 -2.54
N SER A 241 6.43 -5.47 -1.26
CA SER A 241 7.40 -5.68 -0.19
C SER A 241 7.07 -6.81 0.80
N LEU A 242 5.80 -7.21 0.84
CA LEU A 242 5.27 -8.18 1.77
C LEU A 242 4.40 -9.21 1.04
N PRO A 243 4.20 -10.40 1.65
CA PRO A 243 3.36 -11.38 0.96
C PRO A 243 1.92 -10.84 0.81
N LEU A 244 1.18 -11.35 -0.15
CA LEU A 244 -0.15 -10.86 -0.51
C LEU A 244 -1.13 -10.71 0.67
N ASP A 245 -1.30 -11.76 1.49
CA ASP A 245 -2.32 -11.69 2.53
C ASP A 245 -2.01 -10.63 3.55
N LEU A 246 -0.74 -10.49 3.92
CA LEU A 246 -0.36 -9.44 4.86
C LEU A 246 -0.51 -8.03 4.25
N ALA A 247 -0.06 -7.84 3.02
CA ALA A 247 -0.29 -6.55 2.35
C ALA A 247 -1.76 -6.19 2.34
N CYS A 248 -2.62 -7.15 2.01
CA CYS A 248 -4.04 -6.86 1.98
C CYS A 248 -4.57 -6.37 3.33
N ARG A 249 -4.08 -6.93 4.43
CA ARG A 249 -4.50 -6.48 5.72
C ARG A 249 -4.01 -5.06 6.02
N ILE A 250 -2.81 -4.73 5.57
CA ILE A 250 -2.29 -3.36 5.67
C ILE A 250 -3.18 -2.41 4.83
N TRP A 251 -3.57 -2.83 3.62
CA TRP A 251 -4.49 -1.99 2.79
C TRP A 251 -5.80 -1.75 3.47
N ASP A 252 -6.34 -2.78 4.16
CA ASP A 252 -7.59 -2.66 4.92
C ASP A 252 -7.49 -1.51 5.91
N VAL A 253 -6.44 -1.50 6.73
CA VAL A 253 -6.35 -0.52 7.77
C VAL A 253 -5.95 0.84 7.20
N PHE A 254 -5.17 0.85 6.12
CA PHE A 254 -4.96 2.08 5.34
C PHE A 254 -6.32 2.68 4.92
N CYS A 255 -7.26 1.84 4.54
CA CYS A 255 -8.59 2.34 4.16
C CYS A 255 -9.31 2.99 5.34
N ARG A 256 -9.06 2.47 6.52
CA ARG A 256 -9.60 3.06 7.74
C ARG A 256 -8.90 4.36 8.16
N ASP A 257 -7.55 4.38 8.20
CA ASP A 257 -6.79 5.49 8.84
C ASP A 257 -6.05 6.46 7.90
N GLY A 258 -5.98 6.14 6.61
CA GLY A 258 -5.33 6.96 5.62
C GLY A 258 -3.82 6.76 5.56
N GLU A 259 -3.17 7.71 4.90
CA GLU A 259 -1.72 7.61 4.63
C GLU A 259 -0.89 7.40 5.90
N GLU A 260 -1.33 7.92 7.05
CA GLU A 260 -0.57 7.76 8.30
C GLU A 260 -0.32 6.29 8.62
N PHE A 261 -1.27 5.41 8.28
CA PHE A 261 -1.11 4.01 8.61
C PHE A 261 0.04 3.39 7.87
N LEU A 262 0.36 3.91 6.68
CA LEU A 262 1.50 3.37 5.92
C LEU A 262 2.83 3.63 6.64
N PHE A 263 2.95 4.80 7.23
CA PHE A 263 4.15 5.16 8.01
C PHE A 263 4.20 4.47 9.38
N ARG A 264 3.05 4.32 10.03
CA ARG A 264 2.88 3.50 11.23
C ARG A 264 3.33 2.06 10.99
N THR A 265 2.94 1.50 9.84
CA THR A 265 3.38 0.15 9.41
C THR A 265 4.90 0.08 9.27
N ALA A 266 5.49 1.09 8.63
CA ALA A 266 6.92 1.15 8.43
C ALA A 266 7.63 1.08 9.79
N LEU A 267 7.15 1.89 10.74
CA LEU A 267 7.67 1.91 12.13
C LEU A 267 7.43 0.58 12.88
N GLY A 268 6.30 -0.06 12.60
CA GLY A 268 6.02 -1.42 13.11
C GLY A 268 6.99 -2.44 12.63
N ILE A 269 7.38 -2.35 11.35
CA ILE A 269 8.38 -3.27 10.79
C ILE A 269 9.73 -3.06 11.46
N LEU A 270 10.15 -1.79 11.58
CA LEU A 270 11.43 -1.47 12.20
C LEU A 270 11.45 -1.93 13.67
N LYS A 271 10.33 -1.73 14.37
CA LYS A 271 10.23 -2.17 15.75
C LYS A 271 10.28 -3.66 15.86
N LEU A 272 9.64 -4.35 14.90
CA LEU A 272 9.60 -5.82 14.92
C LEU A 272 11.00 -6.39 14.80
N PHE A 273 11.83 -5.75 13.97
CA PHE A 273 13.20 -6.18 13.73
C PHE A 273 14.27 -5.33 14.41
N GLU A 274 13.89 -4.63 15.46
CA GLU A 274 14.79 -3.67 16.07
C GLU A 274 16.04 -4.37 16.64
N ASP A 275 15.84 -5.54 17.23
CA ASP A 275 16.95 -6.27 17.88
C ASP A 275 17.99 -6.68 16.88
N ILE A 276 17.58 -7.27 15.78
CA ILE A 276 18.52 -7.69 14.76
C ILE A 276 19.13 -6.52 13.99
N LEU A 277 18.32 -5.51 13.66
CA LEU A 277 18.82 -4.29 12.98
C LEU A 277 19.92 -3.60 13.76
N THR A 278 19.76 -3.54 15.09
CA THR A 278 20.69 -2.88 15.97
C THR A 278 22.08 -3.55 15.99
N LYS A 279 22.13 -4.83 15.65
CA LYS A 279 23.40 -5.52 15.52
C LYS A 279 24.01 -5.47 14.11
N MET A 280 23.37 -4.74 13.18
CA MET A 280 23.85 -4.69 11.80
C MET A 280 24.48 -3.36 11.46
N ASP A 281 25.40 -3.40 10.49
CA ASP A 281 25.97 -2.19 9.96
C ASP A 281 25.08 -1.70 8.82
N PHE A 282 25.48 -0.60 8.21
CA PHE A 282 24.77 0.02 7.12
C PHE A 282 24.37 -0.97 6.03
N ILE A 283 25.36 -1.68 5.47
CA ILE A 283 25.12 -2.62 4.40
C ILE A 283 24.13 -3.72 4.74
N HIS A 284 24.30 -4.34 5.89
CA HIS A 284 23.40 -5.42 6.25
C HIS A 284 21.98 -4.93 6.55
N MET A 285 21.86 -3.76 7.16
CA MET A 285 20.53 -3.15 7.37
C MET A 285 19.84 -2.90 6.06
N ALA A 286 20.56 -2.30 5.10
CA ALA A 286 19.97 -1.96 3.81
C ALA A 286 19.51 -3.21 3.10
N GLN A 287 20.33 -4.26 3.14
CA GLN A 287 20.00 -5.54 2.49
C GLN A 287 18.79 -6.22 3.13
N PHE A 288 18.74 -6.20 4.46
CA PHE A 288 17.63 -6.79 5.20
C PHE A 288 16.30 -6.08 4.89
N LEU A 289 16.35 -4.75 4.95
CA LEU A 289 15.15 -3.92 4.79
C LEU A 289 14.57 -3.87 3.38
N THR A 290 15.42 -3.96 2.37
CA THR A 290 14.96 -3.94 1.00
C THR A 290 14.45 -5.29 0.45
N ARG A 291 14.68 -6.38 1.18
CA ARG A 291 14.04 -7.66 0.87
C ARG A 291 13.64 -8.31 2.18
N LEU A 292 12.44 -7.99 2.65
CA LEU A 292 11.99 -8.41 3.95
C LEU A 292 11.74 -9.93 3.95
N PRO A 293 11.74 -10.55 5.14
CA PRO A 293 11.48 -11.99 5.21
C PRO A 293 10.21 -12.40 4.48
N GLU A 294 10.30 -13.46 3.68
CA GLU A 294 9.15 -13.94 2.89
C GLU A 294 8.00 -14.38 3.78
N ASP A 295 8.33 -14.93 4.95
CA ASP A 295 7.35 -15.45 5.89
C ASP A 295 7.12 -14.44 7.03
N LEU A 296 7.14 -13.16 6.73
CA LEU A 296 6.96 -12.15 7.75
C LEU A 296 5.58 -12.37 8.40
N PRO A 297 5.58 -12.71 9.70
CA PRO A 297 4.36 -13.10 10.42
C PRO A 297 3.42 -11.90 10.66
N ALA A 298 2.17 -12.03 10.25
CA ALA A 298 1.21 -10.96 10.27
C ALA A 298 0.82 -10.54 11.67
N GLU A 299 0.54 -11.51 12.54
CA GLU A 299 0.05 -11.21 13.90
C GLU A 299 1.15 -10.51 14.66
N GLU A 300 2.41 -10.91 14.45
CA GLU A 300 3.51 -10.28 15.16
CA GLU A 300 3.51 -10.27 15.16
C GLU A 300 3.74 -8.84 14.65
N LEU A 301 3.68 -8.64 13.33
CA LEU A 301 3.76 -7.27 12.77
C LEU A 301 2.64 -6.39 13.28
N PHE A 302 1.40 -6.87 13.22
CA PHE A 302 0.30 -6.06 13.74
C PHE A 302 0.40 -5.71 15.23
N ALA A 303 0.95 -6.61 16.04
CA ALA A 303 1.18 -6.33 17.45
C ALA A 303 2.19 -5.19 17.58
N SER A 304 3.21 -5.20 16.73
CA SER A 304 4.26 -4.17 16.75
C SER A 304 3.70 -2.83 16.25
N ILE A 305 2.90 -2.88 15.19
CA ILE A 305 2.26 -1.65 14.66
C ILE A 305 1.35 -1.00 15.69
N ALA A 306 0.57 -1.82 16.39
CA ALA A 306 -0.26 -1.34 17.49
C ALA A 306 0.46 -0.52 18.57
N THR A 307 1.72 -0.85 18.87
CA THR A 307 2.46 -0.13 19.91
C THR A 307 3.03 1.20 19.39
N ILE A 308 3.06 1.40 18.08
CA ILE A 308 3.49 2.66 17.51
C ILE A 308 2.38 3.67 17.64
N GLN A 309 2.67 4.79 18.29
CA GLN A 309 1.71 5.89 18.41
CA GLN A 309 1.71 5.89 18.41
C GLN A 309 2.10 7.03 17.48
N MET A 310 1.17 7.43 16.63
CA MET A 310 1.40 8.45 15.63
C MET A 310 0.97 9.80 16.21
N GLN A 311 1.65 10.15 17.30
CA GLN A 311 1.46 11.44 17.96
C GLN A 311 2.82 11.82 18.58
N SER A 312 3.19 13.08 18.48
CA SER A 312 4.41 13.58 19.11
C SER A 312 4.18 15.00 19.59
N ARG A 313 4.52 15.28 20.86
CA ARG A 313 4.27 16.59 21.48
C ARG A 313 2.77 16.96 21.32
N ASN A 314 1.90 15.99 21.60
CA ASN A 314 0.44 16.07 21.32
C ASN A 314 0.00 16.52 19.91
N LYS A 315 0.84 16.29 18.90
CA LYS A 315 0.43 16.54 17.51
C LYS A 315 0.33 15.21 16.73
N LYS A 316 -0.73 15.06 15.95
CA LYS A 316 -0.96 13.89 15.12
C LYS A 316 -0.24 13.99 13.78
N TRP A 317 -0.25 12.90 13.03
CA TRP A 317 0.42 12.82 11.74
C TRP A 317 0.06 14.01 10.86
N ALA A 318 -1.23 14.27 10.69
CA ALA A 318 -1.66 15.29 9.73
C ALA A 318 -1.17 16.68 10.12
N GLN A 319 -1.12 16.98 11.40
CA GLN A 319 -0.63 18.30 11.79
C GLN A 319 0.87 18.43 11.71
N VAL A 320 1.60 17.37 12.05
CA VAL A 320 3.06 17.33 11.86
C VAL A 320 3.40 17.52 10.37
N LEU A 321 2.71 16.79 9.48
CA LEU A 321 3.01 16.87 8.06
C LEU A 321 2.69 18.25 7.50
N THR A 322 1.49 18.75 7.81
CA THR A 322 1.08 20.11 7.39
C THR A 322 2.10 21.18 7.83
N ALA A 323 2.54 21.12 9.09
CA ALA A 323 3.60 22.01 9.60
C ALA A 323 4.92 21.92 8.82
N LEU A 324 5.26 20.72 8.36
CA LEU A 324 6.48 20.51 7.58
C LEU A 324 6.32 20.90 6.12
N GLN A 325 5.09 21.05 5.67
CA GLN A 325 4.83 21.40 4.30
C GLN A 325 4.64 22.92 4.13
N LYS A 326 4.30 23.60 5.22
CA LYS A 326 3.79 24.98 5.20
C LYS A 326 4.93 25.98 5.30
UNK UNX B . -16.06 -4.74 -8.44
UNK UNX C . 11.13 -10.06 15.29
UNK UNX D . 2.40 -13.77 -1.78
#